data_4BSE
#
_entry.id   4BSE
#
_cell.length_a   115.890
_cell.length_b   115.890
_cell.length_c   296.330
_cell.angle_alpha   90.00
_cell.angle_beta   90.00
_cell.angle_gamma   120.00
#
_symmetry.space_group_name_H-M   'H 3 2'
#
loop_
_entity.id
_entity.type
_entity.pdbx_description
1 polymer 'HAEMAGGLUTININ HA1'
2 polymer 'HAEMAGGLUTININ HA2'
3 branched 'N-acetyl-alpha-neuraminic acid-(2-6)-beta-D-galactopyranose-(1-4)-2-acetamido-2-deoxy-beta-D-glucopyranose'
4 branched 2-acetamido-2-deoxy-beta-D-glucopyranose-(1-4)-2-acetamido-2-deoxy-beta-D-glucopyranose
5 non-polymer 2-acetamido-2-deoxy-beta-D-glucopyranose
6 non-polymer 'SULFATE ION'
7 water water
#
loop_
_entity_poly.entity_id
_entity_poly.type
_entity_poly.pdbx_seq_one_letter_code
_entity_poly.pdbx_strand_id
1 'polypeptide(L)'
;DKICLGHHAVSNGTKVNTLTERGVEVVNATETVERTNIPRICSKGKRTVDLGQCGLLGTITGPPQCDQFLEFSADLIIER
REGSDVCYPGKFVNEEALRQILRESGGIDKEAMGFTYSGIRTNGATSACRRSGSSFYAEMKWLLSNTDNAAFPQMTKSYK
NTRKSPALIVWGIHHSVSTAEQTKLYGSGNKLVTVGSSNYQQSFVPSPGARPQVNGLSGRIDFHWLMLNPNDTVTFSFNG
AFIAPDRASFLRGKSMGIQSGVQVDANCEGDCYHSGGTIISNLPFQNIDSRAVGKCPRYVKQRSLLLATGMKNVPEIPKG
R
;
A
2 'polypeptide(L)'
;GLFGAIAGFIENGWEGLIDGWYGFRHQNAQGEGTAADYKSTQSAIDQITGKLNRLIEKTNQQFELIDNEFNEVEKQIGNV
INWTRDSITEVWSYNAELLVAMENQHTIDLADSEMDKLYERVKRQLRENAEEDGTGCFEIFHKCDDDCMASIRNNTYDHS
KYREEAMQNRIQIDPVK
;
B
#
loop_
_chem_comp.id
_chem_comp.type
_chem_comp.name
_chem_comp.formula
GAL D-saccharide, beta linking beta-D-galactopyranose 'C6 H12 O6'
NAG D-saccharide, beta linking 2-acetamido-2-deoxy-beta-D-glucopyranose 'C8 H15 N O6'
SIA D-saccharide, alpha linking 'N-acetyl-alpha-neuraminic acid' 'C11 H19 N O9'
SO4 non-polymer 'SULFATE ION' 'O4 S -2'
#
# COMPACT_ATOMS: atom_id res chain seq x y z
N ASP A 1 3.91 -54.01 -29.17
CA ASP A 1 2.95 -54.70 -28.27
C ASP A 1 2.08 -53.73 -27.45
N LYS A 2 2.64 -52.59 -27.01
CA LYS A 2 1.93 -51.72 -26.07
C LYS A 2 2.11 -50.21 -26.25
N ILE A 3 1.27 -49.43 -25.55
CA ILE A 3 1.41 -47.97 -25.48
C ILE A 3 1.02 -47.46 -24.08
N CYS A 4 1.93 -46.71 -23.45
CA CYS A 4 1.75 -46.29 -22.07
C CYS A 4 1.62 -44.77 -21.94
N LEU A 5 0.72 -44.35 -21.06
CA LEU A 5 0.49 -42.94 -20.76
C LEU A 5 1.28 -42.53 -19.51
N GLY A 6 1.74 -41.29 -19.49
CA GLY A 6 2.46 -40.76 -18.33
C GLY A 6 2.40 -39.25 -18.26
N HIS A 7 3.21 -38.69 -17.36
CA HIS A 7 3.27 -37.24 -17.15
C HIS A 7 4.69 -36.85 -16.78
N HIS A 8 4.97 -35.55 -16.79
CA HIS A 8 6.32 -35.07 -16.55
C HIS A 8 6.65 -35.01 -15.05
N ALA A 9 7.94 -35.02 -14.75
CA ALA A 9 8.44 -34.95 -13.38
C ALA A 9 9.79 -34.24 -13.39
N VAL A 10 10.24 -33.80 -12.22
CA VAL A 10 11.52 -33.12 -12.08
C VAL A 10 12.29 -33.75 -10.92
N SER A 11 13.60 -33.52 -10.88
CA SER A 11 14.40 -33.91 -9.72
C SER A 11 14.17 -32.90 -8.61
N ASN A 12 14.29 -31.63 -8.97
CA ASN A 12 13.97 -30.52 -8.07
C ASN A 12 12.53 -30.05 -8.23
N GLY A 13 11.70 -30.34 -7.23
CA GLY A 13 10.34 -29.79 -7.16
C GLY A 13 10.24 -28.75 -6.05
N THR A 14 9.08 -28.10 -5.95
CA THR A 14 8.85 -27.12 -4.88
C THR A 14 7.74 -27.58 -3.95
N LYS A 15 8.02 -27.58 -2.65
CA LYS A 15 7.01 -27.95 -1.64
C LYS A 15 6.01 -26.83 -1.44
N VAL A 16 4.73 -27.20 -1.38
CA VAL A 16 3.64 -26.25 -1.09
C VAL A 16 2.65 -26.88 -0.11
N ASN A 17 1.70 -26.07 0.33
CA ASN A 17 0.69 -26.49 1.30
C ASN A 17 -0.70 -26.55 0.66
N THR A 18 -1.53 -27.48 1.12
CA THR A 18 -2.89 -27.64 0.61
C THR A 18 -3.87 -27.67 1.78
N LEU A 19 -5.14 -27.93 1.47
CA LEU A 19 -6.17 -28.10 2.49
C LEU A 19 -5.87 -29.30 3.33
N THR A 20 -5.37 -30.32 2.66
CA THR A 20 -5.22 -31.61 3.29
C THR A 20 -3.82 -31.84 3.86
N GLU A 21 -2.80 -31.14 3.33
CA GLU A 21 -1.41 -31.57 3.55
C GLU A 21 -0.40 -30.43 3.55
N ARG A 22 0.57 -30.53 4.46
CA ARG A 22 1.68 -29.59 4.56
C ARG A 22 2.86 -30.10 3.75
N GLY A 23 3.35 -29.31 2.81
CA GLY A 23 4.60 -29.62 2.13
C GLY A 23 4.54 -30.73 1.10
N VAL A 24 3.45 -30.78 0.34
CA VAL A 24 3.38 -31.67 -0.83
C VAL A 24 4.21 -31.06 -1.96
N GLU A 25 4.97 -31.89 -2.65
CA GLU A 25 5.91 -31.42 -3.65
C GLU A 25 5.26 -31.36 -5.03
N VAL A 26 5.39 -30.20 -5.68
CA VAL A 26 4.82 -29.97 -7.01
C VAL A 26 5.91 -29.63 -8.02
N VAL A 27 5.54 -29.62 -9.31
CA VAL A 27 6.52 -29.39 -10.37
C VAL A 27 7.07 -27.98 -10.30
N ASN A 28 6.18 -26.99 -10.33
CA ASN A 28 6.59 -25.60 -10.23
C ASN A 28 5.63 -24.81 -9.34
N ALA A 29 6.13 -23.70 -8.77
CA ALA A 29 5.32 -22.84 -7.91
C ALA A 29 5.83 -21.40 -7.93
N THR A 30 5.02 -20.51 -7.37
CA THR A 30 5.34 -19.09 -7.39
C THR A 30 4.88 -18.38 -6.11
N GLU A 31 5.60 -17.34 -5.73
CA GLU A 31 5.35 -16.63 -4.48
C GLU A 31 4.15 -15.70 -4.54
N THR A 32 3.37 -15.63 -3.47
CA THR A 32 2.25 -14.69 -3.38
C THR A 32 2.50 -13.53 -2.42
N VAL A 33 3.51 -13.64 -1.56
CA VAL A 33 3.86 -12.58 -0.61
C VAL A 33 5.12 -11.82 -1.03
N GLU A 34 5.00 -10.51 -1.21
CA GLU A 34 6.14 -9.69 -1.58
C GLU A 34 7.07 -9.44 -0.39
N ARG A 35 8.37 -9.65 -0.57
CA ARG A 35 9.36 -9.28 0.43
C ARG A 35 10.43 -8.34 -0.10
N THR A 36 10.42 -8.08 -1.40
CA THR A 36 11.45 -7.24 -2.00
C THR A 36 11.05 -5.78 -1.87
N ASN A 37 11.85 -5.04 -1.10
CA ASN A 37 11.71 -3.60 -0.94
C ASN A 37 12.69 -2.84 -1.82
N ILE A 38 12.26 -1.69 -2.32
CA ILE A 38 13.15 -0.75 -2.98
C ILE A 38 13.42 0.38 -1.99
N PRO A 39 14.70 0.56 -1.58
CA PRO A 39 15.02 1.52 -0.53
C PRO A 39 15.11 2.97 -0.98
N ARG A 40 14.18 3.37 -1.85
CA ARG A 40 14.05 4.76 -2.31
C ARG A 40 12.57 5.10 -2.41
N ILE A 41 12.24 6.39 -2.45
CA ILE A 41 10.87 6.81 -2.73
C ILE A 41 10.75 6.99 -4.24
N CYS A 42 9.95 6.12 -4.86
CA CYS A 42 9.84 6.07 -6.32
C CYS A 42 8.81 7.05 -6.79
N SER A 43 9.30 8.15 -7.36
CA SER A 43 8.52 9.36 -7.60
C SER A 43 8.31 9.65 -9.10
N LYS A 44 8.90 8.85 -9.98
CA LYS A 44 8.75 9.04 -11.40
C LYS A 44 7.34 9.46 -11.80
N GLY A 45 7.23 10.62 -12.46
CA GLY A 45 5.97 11.09 -13.00
C GLY A 45 5.07 11.80 -12.01
N LYS A 46 5.58 12.09 -10.82
CA LYS A 46 4.76 12.63 -9.75
C LYS A 46 5.28 13.96 -9.25
N ARG A 47 4.45 14.99 -9.27
CA ARG A 47 4.83 16.25 -8.63
C ARG A 47 5.08 15.99 -7.15
N THR A 48 6.35 16.09 -6.76
CA THR A 48 6.82 15.69 -5.44
C THR A 48 7.43 16.87 -4.68
N VAL A 49 7.13 16.93 -3.39
CA VAL A 49 7.61 17.98 -2.51
C VAL A 49 8.21 17.32 -1.29
N ASP A 50 9.53 17.38 -1.20
CA ASP A 50 10.23 16.83 -0.06
C ASP A 50 10.46 17.98 0.92
N LEU A 51 9.75 17.94 2.05
CA LEU A 51 9.73 19.04 2.99
C LEU A 51 11.04 19.25 3.73
N GLY A 52 11.86 18.19 3.80
CA GLY A 52 13.18 18.28 4.40
C GLY A 52 13.06 18.87 5.80
N GLN A 53 13.69 20.02 6.01
CA GLN A 53 13.69 20.67 7.31
C GLN A 53 12.41 21.45 7.64
N CYS A 54 11.53 21.59 6.66
CA CYS A 54 10.22 22.21 6.87
C CYS A 54 9.20 21.21 7.42
N GLY A 55 8.55 21.55 8.51
CA GLY A 55 7.42 20.77 9.01
C GLY A 55 6.16 21.08 8.19
N LEU A 56 5.31 20.08 8.01
CA LEU A 56 4.12 20.25 7.20
C LEU A 56 3.25 21.41 7.69
N LEU A 57 3.09 21.51 9.01
CA LEU A 57 2.27 22.56 9.59
C LEU A 57 2.94 23.93 9.49
N GLY A 58 4.28 23.94 9.50
CA GLY A 58 5.02 25.18 9.21
C GLY A 58 4.82 25.79 7.81
N THR A 59 4.24 25.04 6.88
CA THR A 59 3.92 25.58 5.57
C THR A 59 2.78 26.59 5.66
N ILE A 60 1.97 26.47 6.71
CA ILE A 60 0.83 27.36 6.93
C ILE A 60 1.21 28.65 7.67
N THR A 61 2.22 28.60 8.52
CA THR A 61 2.59 29.74 9.39
C THR A 61 3.86 30.43 8.92
N GLY A 62 4.81 29.63 8.46
CA GLY A 62 5.98 30.14 7.74
C GLY A 62 7.16 30.54 8.57
N PRO A 63 7.72 29.61 9.38
CA PRO A 63 9.02 29.84 9.96
C PRO A 63 10.05 29.73 8.84
N PRO A 64 11.29 30.19 9.08
CA PRO A 64 12.20 30.42 7.94
C PRO A 64 12.51 29.18 7.10
N GLN A 65 12.57 28.03 7.76
CA GLN A 65 12.86 26.76 7.10
C GLN A 65 11.74 26.33 6.15
N CYS A 66 10.58 26.97 6.22
CA CYS A 66 9.45 26.73 5.30
C CYS A 66 9.20 27.87 4.29
N ASP A 67 10.16 28.78 4.11
CA ASP A 67 9.95 29.95 3.24
C ASP A 67 9.75 29.56 1.79
N GLN A 68 10.37 28.46 1.38
CA GLN A 68 10.24 28.00 0.01
C GLN A 68 9.11 26.98 -0.12
N PHE A 69 8.24 26.91 0.89
CA PHE A 69 7.12 25.97 0.85
C PHE A 69 5.78 26.63 1.16
N LEU A 70 5.74 27.96 1.14
CA LEU A 70 4.54 28.66 1.55
C LEU A 70 3.34 28.45 0.63
N GLU A 71 3.59 28.08 -0.64
CA GLU A 71 2.52 27.90 -1.62
C GLU A 71 2.75 26.69 -2.53
N PHE A 72 3.23 25.60 -1.95
CA PHE A 72 3.59 24.44 -2.77
C PHE A 72 2.42 23.75 -3.48
N SER A 73 2.79 22.92 -4.46
CA SER A 73 1.89 22.13 -5.27
C SER A 73 2.42 20.71 -5.38
N ALA A 74 1.57 19.70 -5.26
CA ALA A 74 2.04 18.30 -5.17
C ALA A 74 1.00 17.20 -5.37
N ASP A 75 1.46 16.09 -5.94
CA ASP A 75 0.76 14.81 -5.88
C ASP A 75 1.27 14.01 -4.69
N LEU A 76 2.52 14.23 -4.33
CA LEU A 76 3.16 13.43 -3.30
C LEU A 76 3.92 14.33 -2.35
N ILE A 77 3.62 14.24 -1.06
CA ILE A 77 4.25 15.08 -0.05
C ILE A 77 5.03 14.18 0.90
N ILE A 78 6.28 14.53 1.17
CA ILE A 78 7.15 13.74 2.04
C ILE A 78 7.59 14.51 3.27
N GLU A 79 7.34 13.94 4.45
CA GLU A 79 7.81 14.49 5.71
C GLU A 79 9.09 13.79 6.16
N ARG A 80 9.98 14.54 6.80
CA ARG A 80 11.27 14.02 7.23
C ARG A 80 11.41 14.16 8.74
N ARG A 81 12.22 13.30 9.35
CA ARG A 81 12.42 13.37 10.79
C ARG A 81 12.99 14.74 11.21
N GLU A 82 13.94 15.27 10.43
CA GLU A 82 14.56 16.57 10.73
C GLU A 82 13.61 17.76 10.61
N GLY A 83 12.39 17.54 10.10
CA GLY A 83 11.44 18.63 9.93
C GLY A 83 11.00 19.28 11.23
N SER A 84 10.67 20.57 11.18
CA SER A 84 10.13 21.27 12.34
C SER A 84 9.09 22.32 11.91
N ASP A 85 7.98 22.36 12.65
CA ASP A 85 6.81 23.18 12.34
C ASP A 85 6.93 24.59 12.90
N VAL A 86 7.93 24.82 13.74
CA VAL A 86 8.00 26.06 14.50
C VAL A 86 9.40 26.63 14.47
N CYS A 87 9.50 27.93 14.66
CA CYS A 87 10.77 28.56 14.91
C CYS A 87 10.72 29.02 16.34
N TYR A 88 9.75 29.87 16.67
CA TYR A 88 9.51 30.22 18.06
C TYR A 88 8.78 29.05 18.73
N PRO A 89 9.33 28.51 19.83
CA PRO A 89 8.79 27.30 20.44
C PRO A 89 7.28 27.39 20.69
N GLY A 90 6.59 26.27 20.47
CA GLY A 90 5.13 26.25 20.48
C GLY A 90 4.64 24.99 19.82
N LYS A 91 3.32 24.83 19.74
CA LYS A 91 2.77 23.73 18.97
C LYS A 91 1.32 24.00 18.56
N PHE A 92 0.76 23.09 17.77
CA PHE A 92 -0.61 23.20 17.26
C PHE A 92 -1.60 22.38 18.06
N VAL A 93 -2.78 22.95 18.29
CA VAL A 93 -3.92 22.22 18.81
C VAL A 93 -4.59 21.47 17.66
N ASN A 94 -4.90 20.20 17.87
CA ASN A 94 -5.39 19.29 16.82
C ASN A 94 -4.34 19.16 15.71
N GLU A 95 -3.11 18.88 16.12
CA GLU A 95 -2.03 18.89 15.16
C GLU A 95 -2.19 17.81 14.11
N GLU A 96 -2.52 16.59 14.52
CA GLU A 96 -2.53 15.47 13.57
C GLU A 96 -3.66 15.56 12.54
N ALA A 97 -4.84 16.02 12.97
CA ALA A 97 -5.95 16.22 12.05
C ALA A 97 -5.55 17.20 10.94
N LEU A 98 -4.92 18.32 11.33
CA LEU A 98 -4.43 19.27 10.35
C LEU A 98 -3.43 18.63 9.38
N ARG A 99 -2.54 17.78 9.89
CA ARG A 99 -1.53 17.17 9.02
C ARG A 99 -2.24 16.35 7.96
N GLN A 100 -3.26 15.61 8.41
CA GLN A 100 -4.00 14.73 7.51
C GLN A 100 -4.67 15.51 6.39
N ILE A 101 -5.23 16.67 6.73
CA ILE A 101 -5.86 17.53 5.76
C ILE A 101 -4.80 17.97 4.74
N LEU A 102 -3.67 18.42 5.26
CA LEU A 102 -2.59 18.88 4.42
C LEU A 102 -1.90 17.77 3.60
N ARG A 103 -1.79 16.56 4.13
CA ARG A 103 -1.16 15.50 3.34
C ARG A 103 -1.90 15.27 2.02
N GLU A 104 -3.22 15.38 2.03
CA GLU A 104 -4.00 15.14 0.83
C GLU A 104 -4.59 16.41 0.20
N SER A 105 -4.05 17.56 0.58
CA SER A 105 -4.50 18.85 0.09
C SER A 105 -4.20 19.10 -1.38
N GLY A 106 -3.15 18.46 -1.89
CA GLY A 106 -2.60 18.77 -3.20
C GLY A 106 -1.69 19.99 -3.14
N GLY A 107 -1.38 20.44 -1.92
CA GLY A 107 -0.65 21.69 -1.72
C GLY A 107 -1.57 22.86 -1.41
N ILE A 108 -0.97 24.03 -1.25
CA ILE A 108 -1.71 25.20 -0.79
C ILE A 108 -1.46 26.43 -1.64
N ASP A 109 -2.43 27.34 -1.58
CA ASP A 109 -2.34 28.62 -2.25
C ASP A 109 -2.78 29.65 -1.21
N LYS A 110 -2.06 30.74 -1.11
CA LYS A 110 -2.22 31.67 0.01
C LYS A 110 -2.86 32.97 -0.42
N GLU A 111 -3.69 33.54 0.44
CA GLU A 111 -4.37 34.78 0.12
C GLU A 111 -4.49 35.69 1.33
N ALA A 112 -4.16 36.96 1.13
CA ALA A 112 -4.19 37.97 2.19
C ALA A 112 -5.57 38.06 2.84
N MET A 113 -5.58 38.14 4.18
CA MET A 113 -6.81 38.20 4.96
C MET A 113 -7.42 39.58 4.89
N GLY A 114 -6.58 40.61 4.85
CA GLY A 114 -7.03 41.99 4.83
C GLY A 114 -7.30 42.62 6.19
N PHE A 115 -6.61 42.17 7.23
CA PHE A 115 -6.68 42.82 8.54
C PHE A 115 -5.75 44.01 8.56
N THR A 116 -6.26 45.11 9.10
CA THR A 116 -5.48 46.31 9.37
C THR A 116 -5.69 46.69 10.84
N TYR A 117 -4.81 47.52 11.37
CA TYR A 117 -4.77 47.75 12.81
C TYR A 117 -4.58 49.22 13.18
N SER A 118 -5.02 49.58 14.39
CA SER A 118 -4.85 50.93 14.92
C SER A 118 -4.76 50.93 16.46
N GLY A 119 -3.83 51.70 17.01
CA GLY A 119 -3.60 51.75 18.45
C GLY A 119 -2.73 50.64 19.03
N ILE A 120 -2.02 49.92 18.15
CA ILE A 120 -1.18 48.79 18.54
C ILE A 120 -0.01 48.56 17.56
N ARG A 121 1.00 47.82 18.00
CA ARG A 121 2.17 47.46 17.18
C ARG A 121 1.88 46.16 16.41
N THR A 122 2.54 45.94 15.26
CA THR A 122 2.24 44.77 14.40
C THR A 122 3.45 43.96 13.93
N ASN A 123 4.64 44.31 14.41
CA ASN A 123 5.89 43.84 13.82
C ASN A 123 6.76 43.05 14.81
N GLY A 124 6.14 42.38 15.78
CA GLY A 124 6.88 41.65 16.81
C GLY A 124 7.76 40.56 16.24
N ALA A 125 8.96 40.40 16.79
CA ALA A 125 9.97 39.47 16.26
C ALA A 125 10.68 38.69 17.38
N THR A 126 11.70 37.90 17.01
CA THR A 126 12.47 37.10 17.97
C THR A 126 13.75 36.56 17.37
N SER A 127 14.66 36.11 18.25
CA SER A 127 15.93 35.53 17.83
C SER A 127 15.80 34.05 17.43
N ALA A 128 14.67 33.44 17.74
CA ALA A 128 14.42 32.06 17.33
C ALA A 128 14.12 31.93 15.84
N CYS A 129 13.52 32.99 15.27
CA CYS A 129 13.12 32.98 13.86
C CYS A 129 14.07 33.90 13.08
N ARG A 130 15.01 33.27 12.37
CA ARG A 130 16.16 33.96 11.80
C ARG A 130 16.01 34.22 10.30
N ARG A 131 15.94 35.50 9.94
CA ARG A 131 16.04 35.95 8.55
C ARG A 131 16.83 37.25 8.53
N SER A 132 18.14 37.15 8.41
CA SER A 132 19.02 38.33 8.46
C SER A 132 18.71 39.12 9.73
N GLY A 133 19.09 38.56 10.86
CA GLY A 133 18.68 39.09 12.15
C GLY A 133 17.33 38.52 12.54
N SER A 134 16.68 39.17 13.50
CA SER A 134 15.47 38.66 14.11
C SER A 134 14.26 38.89 13.24
N SER A 135 13.42 37.86 13.15
CA SER A 135 12.19 37.91 12.36
C SER A 135 11.03 37.20 13.09
N PHE A 136 10.02 36.79 12.34
CA PHE A 136 8.86 36.06 12.89
C PHE A 136 8.33 35.03 11.87
N TYR A 137 7.15 34.47 12.11
CA TYR A 137 6.50 33.60 11.13
C TYR A 137 5.95 34.42 9.97
N ALA A 138 6.38 34.10 8.75
CA ALA A 138 6.07 34.88 7.55
C ALA A 138 4.59 35.14 7.30
N GLU A 139 3.74 34.17 7.64
CA GLU A 139 2.29 34.28 7.39
C GLU A 139 1.51 34.85 8.59
N MET A 140 2.22 35.24 9.64
CA MET A 140 1.56 35.71 10.86
C MET A 140 2.05 37.11 11.24
N LYS A 141 1.34 37.71 12.20
CA LYS A 141 1.78 38.97 12.79
C LYS A 141 1.65 38.97 14.33
N TRP A 142 2.75 39.28 14.99
CA TRP A 142 2.78 39.34 16.45
C TRP A 142 2.28 40.71 16.94
N LEU A 143 1.04 40.73 17.40
CA LEU A 143 0.36 41.95 17.84
C LEU A 143 0.62 42.30 19.30
N LEU A 144 0.93 43.57 19.53
CA LEU A 144 1.39 44.08 20.81
C LEU A 144 0.57 45.29 21.23
N SER A 145 0.93 45.89 22.36
CA SER A 145 0.43 47.20 22.76
C SER A 145 1.52 48.22 22.44
N ASN A 146 1.14 49.33 21.80
CA ASN A 146 2.09 50.33 21.25
C ASN A 146 3.36 50.52 22.08
N THR A 147 3.19 50.75 23.38
CA THR A 147 4.32 50.93 24.30
C THR A 147 4.17 50.00 25.51
N ASP A 148 5.21 49.93 26.33
CA ASP A 148 5.25 48.97 27.45
C ASP A 148 4.16 49.25 28.50
N ASN A 149 3.56 48.17 28.99
CA ASN A 149 2.45 48.21 29.97
C ASN A 149 1.16 48.90 29.52
N ALA A 150 1.08 49.22 28.23
CA ALA A 150 -0.07 49.95 27.71
C ALA A 150 -1.27 49.02 27.49
N ALA A 151 -2.46 49.55 27.73
CA ALA A 151 -3.70 48.80 27.59
C ALA A 151 -3.93 48.37 26.15
N PHE A 152 -3.95 47.07 25.90
CA PHE A 152 -4.29 46.54 24.59
C PHE A 152 -5.80 46.65 24.40
N PRO A 153 -6.26 47.56 23.51
CA PRO A 153 -7.70 47.82 23.36
C PRO A 153 -8.48 46.66 22.76
N GLN A 154 -9.58 46.26 23.41
CA GLN A 154 -10.42 45.15 22.97
C GLN A 154 -10.78 45.30 21.49
N MET A 155 -10.38 44.32 20.67
CA MET A 155 -10.46 44.45 19.21
C MET A 155 -11.36 43.43 18.54
N THR A 156 -11.99 43.88 17.45
CA THR A 156 -12.91 43.06 16.68
C THR A 156 -12.45 43.06 15.21
N LYS A 157 -12.13 41.87 14.67
CA LYS A 157 -11.76 41.73 13.25
C LYS A 157 -12.44 40.53 12.60
N SER A 158 -12.96 40.75 11.40
CA SER A 158 -13.67 39.70 10.65
C SER A 158 -13.03 39.42 9.30
N TYR A 159 -13.37 38.27 8.73
CA TYR A 159 -12.92 37.90 7.39
C TYR A 159 -13.92 36.95 6.77
N LYS A 160 -14.48 37.33 5.62
CA LYS A 160 -15.42 36.49 4.90
C LYS A 160 -14.69 35.74 3.80
N ASN A 161 -14.80 34.41 3.82
CA ASN A 161 -14.32 33.59 2.73
C ASN A 161 -15.21 33.81 1.51
N THR A 162 -14.71 34.59 0.55
CA THR A 162 -15.44 34.88 -0.68
C THR A 162 -15.23 33.81 -1.75
N ARG A 163 -14.34 32.86 -1.50
CA ARG A 163 -14.01 31.85 -2.50
C ARG A 163 -14.90 30.61 -2.39
N LYS A 164 -14.78 29.72 -3.36
CA LYS A 164 -15.72 28.60 -3.52
C LYS A 164 -15.31 27.34 -2.76
N SER A 165 -14.14 27.36 -2.12
CA SER A 165 -13.67 26.24 -1.30
C SER A 165 -13.36 26.73 0.11
N PRO A 166 -13.37 25.82 1.10
CA PRO A 166 -13.15 26.24 2.50
C PRO A 166 -11.78 26.87 2.78
N ALA A 167 -11.75 27.91 3.59
CA ALA A 167 -10.48 28.53 3.96
C ALA A 167 -9.92 27.88 5.21
N LEU A 168 -8.61 27.67 5.24
CA LEU A 168 -7.92 27.24 6.45
C LEU A 168 -7.41 28.47 7.18
N ILE A 169 -7.90 28.67 8.40
CA ILE A 169 -7.53 29.81 9.23
C ILE A 169 -6.68 29.32 10.41
N VAL A 170 -5.62 30.06 10.72
CA VAL A 170 -4.70 29.71 11.79
C VAL A 170 -4.34 30.96 12.57
N TRP A 171 -4.41 30.89 13.89
CA TRP A 171 -4.00 31.99 14.75
C TRP A 171 -3.29 31.43 15.99
N GLY A 172 -2.41 32.25 16.57
CA GLY A 172 -1.61 31.81 17.70
C GLY A 172 -2.02 32.47 19.00
N ILE A 173 -1.59 31.87 20.11
CA ILE A 173 -1.75 32.47 21.43
C ILE A 173 -0.38 32.49 22.07
N HIS A 174 0.06 33.66 22.50
CA HIS A 174 1.36 33.79 23.12
C HIS A 174 1.28 33.69 24.64
N HIS A 175 1.98 32.71 25.19
CA HIS A 175 2.11 32.57 26.62
C HIS A 175 3.48 33.09 26.99
N SER A 176 3.54 34.25 27.63
CA SER A 176 4.82 34.83 28.01
C SER A 176 5.47 34.06 29.16
N VAL A 177 6.72 34.39 29.46
CA VAL A 177 7.53 33.64 30.42
C VAL A 177 7.11 33.94 31.87
N SER A 178 6.32 34.99 32.08
CA SER A 178 5.86 35.35 33.42
C SER A 178 4.60 36.20 33.38
N THR A 179 4.02 36.44 34.56
CA THR A 179 2.82 37.25 34.68
C THR A 179 3.15 38.70 34.39
N ALA A 180 4.35 39.11 34.81
CA ALA A 180 4.89 40.43 34.55
C ALA A 180 5.12 40.65 33.06
N GLU A 181 5.84 39.73 32.42
CA GLU A 181 6.20 39.89 31.00
C GLU A 181 5.00 39.86 30.05
N GLN A 182 3.87 39.30 30.52
CA GLN A 182 2.62 39.42 29.79
C GLN A 182 2.09 40.85 29.85
N THR A 183 2.04 41.45 31.04
CA THR A 183 1.49 42.81 31.16
C THR A 183 2.34 43.84 30.40
N LYS A 184 3.66 43.64 30.37
CA LYS A 184 4.55 44.48 29.58
C LYS A 184 4.08 44.58 28.14
N LEU A 185 3.93 43.44 27.49
CA LEU A 185 3.58 43.39 26.07
C LEU A 185 2.16 43.89 25.79
N TYR A 186 1.20 43.45 26.59
CA TYR A 186 -0.22 43.66 26.29
C TYR A 186 -1.04 44.40 27.37
N GLY A 187 -0.40 44.90 28.43
CA GLY A 187 -1.12 45.53 29.55
C GLY A 187 -1.74 44.54 30.52
N SER A 188 -2.00 44.98 31.74
CA SER A 188 -2.49 44.07 32.79
C SER A 188 -4.00 43.78 32.64
N GLY A 189 -4.51 42.86 33.47
CA GLY A 189 -5.90 42.41 33.40
C GLY A 189 -5.99 41.05 32.73
N ASN A 190 -7.15 40.40 32.81
CA ASN A 190 -7.37 39.07 32.20
C ASN A 190 -7.65 39.18 30.71
N LYS A 191 -6.70 38.75 29.88
CA LYS A 191 -6.85 38.83 28.42
C LYS A 191 -7.82 37.75 27.97
N LEU A 192 -8.62 38.04 26.94
CA LEU A 192 -9.59 37.08 26.39
C LEU A 192 -9.65 37.09 24.86
N VAL A 193 -9.38 35.93 24.25
CA VAL A 193 -9.52 35.75 22.80
C VAL A 193 -10.64 34.74 22.52
N THR A 194 -11.55 35.10 21.61
CA THR A 194 -12.66 34.22 21.23
C THR A 194 -12.81 34.11 19.71
N VAL A 195 -13.45 33.02 19.28
CA VAL A 195 -13.58 32.67 17.86
C VAL A 195 -14.92 32.01 17.58
N GLY A 196 -15.58 32.48 16.51
CA GLY A 196 -16.95 32.09 16.20
C GLY A 196 -17.23 31.96 14.72
N SER A 197 -17.35 30.72 14.26
CA SER A 197 -17.80 30.40 12.92
C SER A 197 -19.11 29.61 13.02
N SER A 198 -19.82 29.49 11.89
CA SER A 198 -21.15 28.86 11.85
C SER A 198 -21.24 27.52 12.57
N ASN A 199 -20.18 26.73 12.49
CA ASN A 199 -20.12 25.45 13.20
C ASN A 199 -18.91 25.37 14.11
N TYR A 200 -18.57 26.50 14.74
CA TYR A 200 -17.40 26.56 15.62
C TYR A 200 -17.51 27.69 16.64
N GLN A 201 -17.42 27.33 17.92
CA GLN A 201 -17.41 28.28 19.03
C GLN A 201 -16.30 27.88 19.99
N GLN A 202 -15.36 28.80 20.27
CA GLN A 202 -14.33 28.55 21.29
C GLN A 202 -13.71 29.82 21.83
N SER A 203 -13.10 29.68 23.00
CA SER A 203 -12.48 30.80 23.69
C SER A 203 -11.10 30.41 24.19
N PHE A 204 -10.23 31.42 24.31
CA PHE A 204 -8.83 31.22 24.61
C PHE A 204 -8.31 32.32 25.55
N VAL A 205 -8.01 31.93 26.78
CA VAL A 205 -7.40 32.79 27.79
C VAL A 205 -5.95 32.36 27.91
N PRO A 206 -5.00 33.31 28.02
CA PRO A 206 -3.59 32.93 28.08
C PRO A 206 -3.17 32.32 29.42
N SER A 207 -1.88 32.06 29.58
CA SER A 207 -1.36 31.35 30.74
C SER A 207 0.15 31.56 30.88
N PRO A 208 0.56 32.74 31.32
CA PRO A 208 1.99 33.00 31.52
C PRO A 208 2.61 32.15 32.64
N GLY A 209 3.93 31.96 32.56
CA GLY A 209 4.64 31.04 33.45
C GLY A 209 5.90 30.49 32.79
N ALA A 210 6.67 29.73 33.55
CA ALA A 210 8.02 29.32 33.13
C ALA A 210 8.08 27.93 32.52
N ARG A 211 8.27 27.86 31.20
CA ARG A 211 8.50 26.60 30.49
C ARG A 211 9.99 26.38 30.32
N PRO A 212 10.41 25.14 30.01
CA PRO A 212 11.84 24.89 29.79
C PRO A 212 12.37 25.62 28.55
N GLN A 213 13.67 25.95 28.56
CA GLN A 213 14.26 26.70 27.45
C GLN A 213 14.40 25.85 26.19
N VAL A 214 13.50 26.06 25.25
CA VAL A 214 13.58 25.47 23.92
C VAL A 214 14.08 26.54 22.97
N ASN A 215 15.07 26.19 22.14
CA ASN A 215 15.83 27.17 21.35
C ASN A 215 16.45 28.26 22.23
N GLY A 216 16.67 27.95 23.51
CA GLY A 216 17.10 28.91 24.51
C GLY A 216 16.01 29.83 25.05
N LEU A 217 14.76 29.57 24.66
CA LEU A 217 13.63 30.44 25.03
C LEU A 217 12.54 29.67 25.77
N SER A 218 11.96 30.30 26.79
CA SER A 218 11.01 29.67 27.72
C SER A 218 9.56 30.09 27.47
N GLY A 219 9.35 30.86 26.41
CA GLY A 219 8.00 31.25 26.01
C GLY A 219 7.41 30.24 25.04
N ARG A 220 6.09 30.23 24.92
CA ARG A 220 5.41 29.33 24.00
C ARG A 220 4.31 30.04 23.24
N ILE A 221 4.04 29.58 22.02
CA ILE A 221 2.92 30.05 21.23
C ILE A 221 2.00 28.87 20.87
N ASP A 222 0.73 28.94 21.30
CA ASP A 222 -0.29 27.94 20.95
C ASP A 222 -0.95 28.28 19.60
N PHE A 223 -0.65 27.52 18.57
CA PHE A 223 -1.35 27.68 17.28
C PHE A 223 -2.66 26.92 17.25
N HIS A 224 -3.71 27.57 16.73
CA HIS A 224 -5.06 26.98 16.58
C HIS A 224 -5.61 27.20 15.18
N TRP A 225 -6.60 26.40 14.79
CA TRP A 225 -7.11 26.47 13.42
C TRP A 225 -8.58 26.06 13.22
N LEU A 226 -9.21 26.63 12.19
CA LEU A 226 -10.51 26.14 11.71
C LEU A 226 -10.61 26.20 10.19
N MET A 227 -11.55 25.41 9.64
CA MET A 227 -11.90 25.45 8.22
C MET A 227 -13.13 26.33 8.04
N LEU A 228 -12.95 27.47 7.38
CA LEU A 228 -14.02 28.44 7.17
C LEU A 228 -14.71 28.21 5.84
N ASN A 229 -15.96 27.79 5.89
CA ASN A 229 -16.72 27.48 4.70
C ASN A 229 -16.93 28.68 3.78
N PRO A 230 -17.21 28.43 2.48
CA PRO A 230 -17.53 29.49 1.51
C PRO A 230 -18.66 30.41 1.97
N ASN A 231 -18.45 31.72 1.83
CA ASN A 231 -19.40 32.77 2.24
C ASN A 231 -19.54 32.95 3.76
N ASP A 232 -18.96 32.05 4.56
CA ASP A 232 -19.03 32.17 6.01
C ASP A 232 -18.03 33.21 6.51
N THR A 233 -18.36 33.83 7.65
CA THR A 233 -17.53 34.87 8.25
C THR A 233 -16.97 34.36 9.58
N VAL A 234 -15.77 34.83 9.93
CA VAL A 234 -15.11 34.48 11.20
C VAL A 234 -14.62 35.76 11.87
N THR A 235 -14.92 35.89 13.17
CA THR A 235 -14.58 37.09 13.93
C THR A 235 -13.65 36.78 15.11
N PHE A 236 -12.67 37.68 15.31
CA PHE A 236 -11.69 37.57 16.39
C PHE A 236 -11.85 38.71 17.40
N SER A 237 -12.30 38.38 18.61
CA SER A 237 -12.32 39.35 19.70
C SER A 237 -11.12 39.09 20.60
N PHE A 238 -10.29 40.11 20.82
CA PHE A 238 -9.05 39.93 21.60
C PHE A 238 -8.61 41.15 22.41
N ASN A 239 -8.31 40.90 23.68
CA ASN A 239 -7.75 41.89 24.59
C ASN A 239 -6.23 41.84 24.60
N GLY A 240 -5.65 40.82 23.94
CA GLY A 240 -4.20 40.67 23.86
C GLY A 240 -3.72 39.24 23.59
N ALA A 241 -2.45 39.00 23.89
CA ALA A 241 -1.82 37.68 23.78
C ALA A 241 -2.10 36.94 22.47
N PHE A 242 -2.26 37.68 21.39
CA PHE A 242 -2.81 37.15 20.15
C PHE A 242 -1.82 37.27 19.00
N ILE A 243 -1.57 36.16 18.30
CA ILE A 243 -0.75 36.15 17.09
C ILE A 243 -1.68 36.07 15.87
N ALA A 244 -1.73 37.13 15.07
CA ALA A 244 -2.76 37.30 14.04
C ALA A 244 -2.38 36.72 12.69
N PRO A 245 -3.33 36.03 12.04
CA PRO A 245 -3.06 35.59 10.68
C PRO A 245 -3.00 36.76 9.71
N ASP A 246 -2.03 36.72 8.80
CA ASP A 246 -1.93 37.69 7.72
C ASP A 246 -2.51 37.13 6.43
N ARG A 247 -2.42 35.81 6.28
CA ARG A 247 -2.88 35.13 5.09
C ARG A 247 -3.70 33.90 5.47
N ALA A 248 -4.59 33.51 4.57
CA ALA A 248 -5.35 32.29 4.72
C ALA A 248 -4.93 31.36 3.61
N SER A 249 -5.08 30.06 3.85
CA SER A 249 -4.68 29.04 2.90
C SER A 249 -5.90 28.41 2.27
N PHE A 250 -5.75 27.99 1.02
CA PHE A 250 -6.76 27.20 0.34
C PHE A 250 -6.12 25.96 -0.25
N LEU A 251 -6.88 24.87 -0.30
CA LEU A 251 -6.33 23.59 -0.72
C LEU A 251 -6.51 23.44 -2.21
N ARG A 252 -5.43 23.06 -2.90
CA ARG A 252 -5.39 23.04 -4.36
C ARG A 252 -6.11 21.89 -5.02
N GLY A 253 -6.20 20.74 -4.36
CA GLY A 253 -6.73 19.54 -5.00
C GLY A 253 -6.55 18.24 -4.23
N LYS A 254 -5.78 17.31 -4.80
CA LYS A 254 -5.52 15.99 -4.23
C LYS A 254 -4.03 15.70 -4.12
N SER A 255 -3.65 14.94 -3.11
CA SER A 255 -2.30 14.41 -3.02
C SER A 255 -2.29 13.29 -2.01
N MET A 256 -1.15 12.62 -1.90
CA MET A 256 -0.90 11.75 -0.78
C MET A 256 0.30 12.25 -0.02
N GLY A 257 0.37 11.90 1.25
CA GLY A 257 1.52 12.24 2.09
C GLY A 257 2.14 11.02 2.75
N ILE A 258 3.47 10.99 2.78
CA ILE A 258 4.19 9.92 3.47
C ILE A 258 5.26 10.46 4.41
N GLN A 259 5.71 9.59 5.32
CA GLN A 259 6.86 9.84 6.17
C GLN A 259 7.95 8.86 5.76
N SER A 260 9.18 9.33 5.66
CA SER A 260 10.27 8.48 5.21
C SER A 260 11.65 9.04 5.48
N GLY A 261 12.64 8.14 5.54
CA GLY A 261 14.04 8.52 5.71
C GLY A 261 14.96 8.15 4.55
N VAL A 262 14.40 7.82 3.39
CA VAL A 262 15.19 7.49 2.21
C VAL A 262 15.07 8.51 1.07
N GLN A 263 15.96 8.37 0.08
CA GLN A 263 16.03 9.32 -1.00
C GLN A 263 14.89 9.13 -2.00
N VAL A 264 14.63 10.22 -2.73
CA VAL A 264 13.70 10.26 -3.84
C VAL A 264 14.40 9.72 -5.07
N ASP A 265 13.63 9.07 -5.93
CA ASP A 265 14.17 8.48 -7.15
C ASP A 265 13.14 8.60 -8.26
N ALA A 266 13.48 9.39 -9.28
CA ALA A 266 12.59 9.69 -10.40
C ALA A 266 12.72 8.69 -11.54
N ASN A 267 13.62 7.73 -11.40
CA ASN A 267 13.80 6.64 -12.37
C ASN A 267 12.85 5.48 -12.02
N CYS A 268 12.27 5.59 -10.85
CA CYS A 268 11.57 4.52 -10.19
C CYS A 268 10.10 4.88 -10.10
N GLU A 269 9.20 3.97 -10.44
CA GLU A 269 7.76 4.24 -10.27
C GLU A 269 7.05 3.30 -9.28
N GLY A 270 6.24 3.86 -8.39
CA GLY A 270 5.48 3.05 -7.46
C GLY A 270 4.29 3.77 -6.82
N ASP A 271 3.32 3.00 -6.35
CA ASP A 271 2.16 3.54 -5.67
C ASP A 271 2.00 3.12 -4.22
N CYS A 272 2.88 2.24 -3.74
CA CYS A 272 2.85 1.78 -2.37
C CYS A 272 4.14 2.18 -1.65
N TYR A 273 4.01 3.01 -0.62
CA TYR A 273 5.15 3.59 0.07
C TYR A 273 5.11 3.27 1.55
N HIS A 274 6.29 3.30 2.18
CA HIS A 274 6.45 3.20 3.64
C HIS A 274 7.78 3.87 4.00
N SER A 275 8.09 4.00 5.29
CA SER A 275 9.24 4.83 5.67
C SER A 275 10.58 4.34 5.12
N GLY A 276 10.68 3.05 4.84
CA GLY A 276 11.89 2.47 4.26
C GLY A 276 11.94 2.44 2.74
N GLY A 277 10.87 2.88 2.08
CA GLY A 277 10.88 2.95 0.62
C GLY A 277 9.60 2.54 -0.07
N THR A 278 9.75 1.90 -1.22
CA THR A 278 8.66 1.66 -2.15
C THR A 278 8.50 0.17 -2.37
N ILE A 279 7.26 -0.30 -2.32
CA ILE A 279 6.96 -1.68 -2.63
C ILE A 279 6.39 -1.74 -4.04
N ILE A 280 7.19 -2.22 -4.98
CA ILE A 280 6.76 -2.41 -6.38
C ILE A 280 6.51 -3.89 -6.54
N SER A 281 5.29 -4.25 -6.92
CA SER A 281 4.88 -5.65 -6.95
C SER A 281 3.48 -5.76 -7.50
N ASN A 282 3.19 -6.86 -8.17
CA ASN A 282 1.82 -7.21 -8.52
C ASN A 282 1.27 -8.30 -7.61
N LEU A 283 2.07 -8.77 -6.67
CA LEU A 283 1.60 -9.82 -5.79
C LEU A 283 0.47 -9.30 -4.89
N PRO A 284 -0.51 -10.15 -4.59
CA PRO A 284 -1.67 -9.70 -3.84
C PRO A 284 -1.37 -9.38 -2.36
N PHE A 285 -0.26 -9.91 -1.84
CA PHE A 285 0.11 -9.72 -0.44
C PHE A 285 1.55 -9.23 -0.27
N GLN A 286 1.84 -8.66 0.90
CA GLN A 286 3.19 -8.23 1.25
C GLN A 286 3.48 -8.43 2.74
N ASN A 287 4.74 -8.71 3.08
CA ASN A 287 5.14 -8.93 4.48
C ASN A 287 6.27 -7.96 4.91
N ILE A 288 6.21 -6.74 4.37
CA ILE A 288 7.25 -5.74 4.57
C ILE A 288 6.90 -4.72 5.66
N ASP A 289 5.71 -4.14 5.59
CA ASP A 289 5.30 -3.11 6.55
C ASP A 289 3.80 -2.96 6.55
N SER A 290 3.19 -3.17 7.73
CA SER A 290 1.75 -3.14 7.87
C SER A 290 1.18 -1.74 7.81
N ARG A 291 2.03 -0.72 7.89
CA ARG A 291 1.58 0.67 7.82
C ARG A 291 1.87 1.33 6.45
N ALA A 292 2.33 0.54 5.49
CA ALA A 292 2.46 0.98 4.10
C ALA A 292 1.20 1.66 3.65
N VAL A 293 1.35 2.68 2.82
CA VAL A 293 0.21 3.45 2.36
C VAL A 293 0.29 3.64 0.86
N GLY A 294 -0.80 4.16 0.30
CA GLY A 294 -0.96 4.27 -1.15
C GLY A 294 -1.78 3.10 -1.62
N LYS A 295 -1.53 2.61 -2.83
CA LYS A 295 -2.20 1.42 -3.34
C LYS A 295 -1.26 0.24 -3.22
N CYS A 296 -1.59 -0.69 -2.33
CA CYS A 296 -0.66 -1.70 -1.86
C CYS A 296 -1.24 -3.12 -1.90
N PRO A 297 -0.36 -4.13 -2.01
CA PRO A 297 -0.74 -5.48 -1.60
C PRO A 297 -1.16 -5.49 -0.12
N ARG A 298 -2.06 -6.40 0.24
CA ARG A 298 -2.50 -6.54 1.63
C ARG A 298 -1.35 -7.04 2.48
N TYR A 299 -1.18 -6.46 3.66
CA TYR A 299 -0.19 -6.96 4.59
C TYR A 299 -0.63 -8.27 5.21
N VAL A 300 0.30 -9.22 5.25
CA VAL A 300 0.10 -10.48 5.96
C VAL A 300 1.32 -10.83 6.81
N LYS A 301 1.12 -11.61 7.86
CA LYS A 301 2.18 -11.99 8.79
C LYS A 301 3.12 -13.07 8.25
N GLN A 302 2.65 -13.84 7.28
CA GLN A 302 3.48 -14.90 6.70
C GLN A 302 4.57 -14.30 5.84
N ARG A 303 5.77 -14.86 5.95
CA ARG A 303 6.88 -14.52 5.07
C ARG A 303 6.60 -14.98 3.67
N SER A 304 5.94 -16.13 3.54
CA SER A 304 5.82 -16.81 2.26
C SER A 304 4.60 -17.72 2.14
N LEU A 305 3.95 -17.68 0.97
CA LEU A 305 2.85 -18.57 0.63
C LEU A 305 2.93 -18.97 -0.85
N LEU A 306 3.53 -20.13 -1.10
CA LEU A 306 3.77 -20.60 -2.45
C LEU A 306 2.49 -21.20 -3.01
N LEU A 307 2.22 -20.84 -4.27
CA LEU A 307 1.04 -21.24 -5.01
C LEU A 307 1.47 -22.19 -6.10
N ALA A 308 0.86 -23.36 -6.16
CA ALA A 308 1.22 -24.36 -7.16
C ALA A 308 0.91 -23.83 -8.54
N THR A 309 1.87 -24.00 -9.44
CA THR A 309 1.66 -23.70 -10.86
C THR A 309 1.97 -24.93 -11.73
N GLY A 310 1.97 -26.10 -11.10
CA GLY A 310 2.23 -27.35 -11.80
C GLY A 310 1.60 -28.50 -11.04
N MET A 311 1.60 -29.67 -11.68
CA MET A 311 1.05 -30.88 -11.08
C MET A 311 1.95 -31.37 -9.96
N LYS A 312 1.50 -32.37 -9.22
CA LYS A 312 2.31 -32.96 -8.16
C LYS A 312 3.54 -33.65 -8.75
N ASN A 313 4.69 -33.46 -8.14
CA ASN A 313 5.92 -34.09 -8.59
C ASN A 313 5.99 -35.50 -8.04
N VAL A 314 6.09 -36.49 -8.93
CA VAL A 314 6.17 -37.90 -8.55
C VAL A 314 7.30 -38.57 -9.35
N PRO A 315 8.56 -38.33 -8.94
CA PRO A 315 9.74 -38.84 -9.67
C PRO A 315 10.06 -40.32 -9.42
N GLU A 316 11.08 -40.84 -10.11
CA GLU A 316 11.52 -42.23 -10.01
C GLU A 316 11.76 -42.73 -8.58
N ILE A 317 11.33 -43.82 -8.20
N GLY B 1 -4.17 -37.26 -5.74
CA GLY B 1 -5.32 -36.40 -6.15
C GLY B 1 -6.64 -37.15 -6.23
N LEU B 2 -7.70 -36.42 -6.55
CA LEU B 2 -9.06 -36.95 -6.54
C LEU B 2 -9.37 -37.96 -7.66
N PHE B 3 -8.60 -37.91 -8.74
CA PHE B 3 -8.87 -38.75 -9.91
C PHE B 3 -7.96 -39.99 -10.00
N GLY B 4 -7.05 -40.13 -9.02
CA GLY B 4 -6.32 -41.37 -8.81
C GLY B 4 -5.40 -41.85 -9.94
N ALA B 5 -4.94 -40.93 -10.78
CA ALA B 5 -4.00 -41.28 -11.85
C ALA B 5 -2.59 -40.87 -11.44
N ILE B 6 -2.35 -39.56 -11.34
CA ILE B 6 -1.07 -39.03 -10.91
C ILE B 6 -0.86 -39.35 -9.43
N ALA B 7 0.24 -40.03 -9.12
CA ALA B 7 0.46 -40.60 -7.80
C ALA B 7 -0.68 -41.54 -7.47
N GLY B 8 -1.18 -42.22 -8.50
CA GLY B 8 -2.25 -43.20 -8.38
C GLY B 8 -1.93 -44.43 -9.20
N PHE B 9 -2.80 -44.79 -10.13
CA PHE B 9 -2.58 -46.02 -10.92
C PHE B 9 -1.47 -45.86 -11.95
N ILE B 10 -0.98 -44.63 -12.15
CA ILE B 10 0.31 -44.41 -12.80
C ILE B 10 1.33 -44.31 -11.68
N GLU B 11 2.39 -45.11 -11.78
CA GLU B 11 3.41 -45.23 -10.74
C GLU B 11 4.20 -43.94 -10.50
N ASN B 12 4.66 -43.29 -11.56
CA ASN B 12 5.48 -42.09 -11.44
C ASN B 12 5.55 -41.28 -12.72
N GLY B 13 6.14 -40.09 -12.63
CA GLY B 13 6.30 -39.21 -13.77
C GLY B 13 7.55 -39.55 -14.57
N TRP B 14 7.69 -38.92 -15.72
CA TRP B 14 8.83 -39.13 -16.60
C TRP B 14 9.70 -37.88 -16.70
N GLU B 15 10.91 -37.95 -16.16
CA GLU B 15 11.85 -36.82 -16.24
C GLU B 15 12.33 -36.58 -17.68
N GLY B 16 12.24 -37.60 -18.52
CA GLY B 16 12.59 -37.48 -19.93
C GLY B 16 11.57 -36.70 -20.75
N LEU B 17 10.36 -36.56 -20.23
CA LEU B 17 9.31 -35.83 -20.92
C LEU B 17 9.47 -34.33 -20.69
N ILE B 18 10.44 -33.75 -21.39
CA ILE B 18 10.68 -32.31 -21.38
C ILE B 18 9.79 -31.58 -22.40
N ASP B 19 9.11 -32.34 -23.25
CA ASP B 19 8.39 -31.82 -24.40
C ASP B 19 7.03 -31.18 -24.01
N GLY B 20 6.45 -31.66 -22.90
CA GLY B 20 5.16 -31.16 -22.43
C GLY B 20 4.82 -31.73 -21.05
N TRP B 21 3.57 -31.59 -20.64
CA TRP B 21 3.13 -32.06 -19.33
C TRP B 21 2.74 -33.54 -19.36
N TYR B 22 1.85 -33.90 -20.30
CA TYR B 22 1.39 -35.28 -20.48
C TYR B 22 1.80 -35.80 -21.85
N GLY B 23 1.98 -37.11 -21.97
CA GLY B 23 2.44 -37.69 -23.22
C GLY B 23 2.41 -39.20 -23.32
N PHE B 24 2.90 -39.70 -24.46
CA PHE B 24 2.90 -41.12 -24.78
C PHE B 24 4.33 -41.66 -24.91
N ARG B 25 4.52 -42.89 -24.45
CA ARG B 25 5.76 -43.62 -24.64
C ARG B 25 5.41 -45.04 -25.07
N HIS B 26 5.53 -45.31 -26.36
CA HIS B 26 5.10 -46.59 -26.94
C HIS B 26 6.22 -47.63 -27.03
N GLN B 27 5.82 -48.89 -27.17
CA GLN B 27 6.73 -49.99 -27.43
C GLN B 27 6.13 -50.85 -28.55
N ASN B 28 6.96 -51.26 -29.51
CA ASN B 28 6.49 -52.03 -30.67
C ASN B 28 7.57 -52.87 -31.34
N ALA B 29 7.29 -53.37 -32.54
CA ALA B 29 8.26 -54.16 -33.30
C ALA B 29 9.42 -53.33 -33.86
N GLN B 30 9.39 -52.02 -33.66
CA GLN B 30 10.47 -51.14 -34.12
C GLN B 30 11.28 -50.51 -32.97
N GLY B 31 10.86 -50.71 -31.73
CA GLY B 31 11.56 -50.17 -30.56
C GLY B 31 10.72 -49.20 -29.75
N GLU B 32 11.32 -48.60 -28.72
CA GLU B 32 10.62 -47.67 -27.83
C GLU B 32 10.76 -46.22 -28.33
N GLY B 33 9.74 -45.42 -28.08
CA GLY B 33 9.75 -43.98 -28.39
C GLY B 33 8.78 -43.22 -27.50
N THR B 34 8.92 -41.89 -27.46
CA THR B 34 8.10 -41.05 -26.59
C THR B 34 7.70 -39.73 -27.26
N ALA B 35 6.58 -39.15 -26.84
CA ALA B 35 6.10 -37.87 -27.37
C ALA B 35 5.11 -37.21 -26.42
N ALA B 36 4.74 -35.96 -26.69
CA ALA B 36 3.87 -35.18 -25.80
C ALA B 36 2.49 -34.90 -26.40
N ASP B 37 1.46 -34.93 -25.56
CA ASP B 37 0.09 -34.59 -25.96
C ASP B 37 -0.11 -33.10 -25.75
N TYR B 38 -0.19 -32.36 -26.85
CA TYR B 38 -0.34 -30.89 -26.83
C TYR B 38 -1.64 -30.45 -26.17
N LYS B 39 -2.75 -31.08 -26.55
CA LYS B 39 -4.09 -30.65 -26.12
C LYS B 39 -4.26 -30.69 -24.60
N SER B 40 -3.95 -31.83 -23.99
CA SER B 40 -4.06 -32.01 -22.54
C SER B 40 -3.09 -31.09 -21.81
N THR B 41 -1.87 -30.99 -22.33
CA THR B 41 -0.89 -30.06 -21.79
C THR B 41 -1.51 -28.66 -21.75
N GLN B 42 -2.08 -28.24 -22.87
CA GLN B 42 -2.54 -26.87 -23.03
C GLN B 42 -3.68 -26.51 -22.06
N SER B 43 -4.69 -27.37 -21.97
CA SER B 43 -5.80 -27.19 -21.03
C SER B 43 -5.32 -26.94 -19.60
N ALA B 44 -4.37 -27.76 -19.16
CA ALA B 44 -3.80 -27.63 -17.81
C ALA B 44 -3.05 -26.32 -17.67
N ILE B 45 -2.14 -26.05 -18.60
CA ILE B 45 -1.39 -24.80 -18.62
C ILE B 45 -2.33 -23.60 -18.61
N ASP B 46 -3.29 -23.60 -19.52
CA ASP B 46 -4.22 -22.48 -19.67
C ASP B 46 -5.07 -22.26 -18.43
N GLN B 47 -5.56 -23.34 -17.84
CA GLN B 47 -6.34 -23.24 -16.61
C GLN B 47 -5.48 -22.67 -15.47
N ILE B 48 -4.23 -23.12 -15.38
CA ILE B 48 -3.34 -22.67 -14.31
C ILE B 48 -2.95 -21.21 -14.49
N THR B 49 -2.61 -20.81 -15.71
CA THR B 49 -2.27 -19.40 -15.94
C THR B 49 -3.49 -18.51 -15.72
N GLY B 50 -4.66 -19.07 -15.98
CA GLY B 50 -5.92 -18.38 -15.68
C GLY B 50 -6.09 -18.09 -14.20
N LYS B 51 -5.64 -18.99 -13.35
CA LYS B 51 -5.62 -18.74 -11.91
C LYS B 51 -4.73 -17.56 -11.56
N LEU B 52 -3.56 -17.51 -12.20
CA LEU B 52 -2.54 -16.53 -11.89
C LEU B 52 -2.94 -15.12 -12.24
N ASN B 53 -3.44 -14.91 -13.45
CA ASN B 53 -3.81 -13.56 -13.89
C ASN B 53 -4.87 -13.00 -12.98
N ARG B 54 -5.73 -13.89 -12.52
CA ARG B 54 -6.80 -13.55 -11.58
C ARG B 54 -6.25 -13.17 -10.21
N LEU B 55 -5.21 -13.84 -9.74
CA LEU B 55 -4.66 -13.58 -8.42
C LEU B 55 -3.57 -12.53 -8.41
N ILE B 56 -2.76 -12.50 -9.47
CA ILE B 56 -1.64 -11.57 -9.53
C ILE B 56 -2.19 -10.27 -10.07
N GLU B 57 -2.80 -9.53 -9.17
CA GLU B 57 -3.27 -8.18 -9.43
C GLU B 57 -3.43 -7.48 -8.09
N LYS B 58 -3.16 -6.18 -8.11
CA LYS B 58 -3.26 -5.34 -6.93
C LYS B 58 -4.49 -4.44 -7.13
N THR B 59 -5.09 -4.02 -6.01
CA THR B 59 -6.29 -3.20 -6.06
C THR B 59 -5.91 -1.76 -6.31
N ASN B 60 -6.85 -1.02 -6.90
CA ASN B 60 -6.68 0.41 -7.15
C ASN B 60 -7.14 1.25 -5.95
N GLN B 61 -7.19 0.62 -4.77
CA GLN B 61 -7.78 1.22 -3.57
C GLN B 61 -6.72 1.91 -2.74
N GLN B 62 -6.81 3.22 -2.65
CA GLN B 62 -5.81 3.99 -1.92
C GLN B 62 -6.10 4.02 -0.42
N PHE B 63 -5.07 3.88 0.38
CA PHE B 63 -5.19 4.07 1.84
C PHE B 63 -4.17 5.12 2.29
N GLU B 64 -4.56 5.94 3.27
CA GLU B 64 -3.71 7.02 3.74
C GLU B 64 -3.29 6.76 5.18
N LEU B 65 -2.32 7.54 5.62
CA LEU B 65 -1.87 7.54 7.01
C LEU B 65 -3.00 7.93 7.95
N ILE B 66 -3.21 7.15 9.01
CA ILE B 66 -4.03 7.63 10.16
C ILE B 66 -3.25 7.70 11.47
N ASP B 67 -1.95 7.36 11.46
CA ASP B 67 -1.08 7.64 12.60
C ASP B 67 0.28 8.14 12.12
N ASN B 68 1.23 8.25 13.04
CA ASN B 68 2.41 9.07 12.84
C ASN B 68 3.65 8.49 13.51
N GLU B 69 4.65 8.20 12.68
CA GLU B 69 5.88 7.54 13.08
C GLU B 69 6.81 8.50 13.82
N PHE B 70 6.74 9.78 13.47
CA PHE B 70 7.65 10.77 14.02
C PHE B 70 7.05 11.52 15.20
N ASN B 71 5.75 11.39 15.41
CA ASN B 71 5.07 12.17 16.45
C ASN B 71 3.82 11.43 16.88
N GLU B 72 3.96 10.62 17.92
CA GLU B 72 2.94 9.64 18.29
C GLU B 72 1.61 10.34 18.54
N VAL B 73 0.55 9.78 18.01
CA VAL B 73 -0.79 10.32 18.26
C VAL B 73 -1.22 9.98 19.68
N GLU B 74 -2.26 10.68 20.13
CA GLU B 74 -2.83 10.48 21.45
C GLU B 74 -3.05 8.98 21.68
N LYS B 75 -2.76 8.52 22.89
CA LYS B 75 -2.66 7.10 23.16
C LYS B 75 -3.98 6.36 22.93
N GLN B 76 -5.08 6.94 23.37
CA GLN B 76 -6.38 6.27 23.24
C GLN B 76 -6.71 5.99 21.79
N ILE B 77 -6.70 7.05 20.98
CA ILE B 77 -7.00 6.90 19.57
C ILE B 77 -5.93 6.01 18.92
N GLY B 78 -4.69 6.09 19.41
CA GLY B 78 -3.60 5.25 18.92
C GLY B 78 -3.84 3.77 19.15
N ASN B 79 -4.28 3.40 20.36
CA ASN B 79 -4.63 2.01 20.65
C ASN B 79 -5.81 1.44 19.84
N VAL B 80 -6.81 2.27 19.56
CA VAL B 80 -7.94 1.85 18.73
C VAL B 80 -7.46 1.56 17.31
N ILE B 81 -6.66 2.46 16.75
CA ILE B 81 -6.07 2.25 15.44
C ILE B 81 -5.23 0.96 15.34
N ASN B 82 -4.33 0.76 16.29
CA ASN B 82 -3.47 -0.42 16.31
C ASN B 82 -4.28 -1.72 16.37
N TRP B 83 -5.29 -1.71 17.22
CA TRP B 83 -6.20 -2.84 17.41
C TRP B 83 -6.97 -3.11 16.13
N THR B 84 -7.44 -2.05 15.49
CA THR B 84 -8.13 -2.16 14.21
C THR B 84 -7.18 -2.73 13.14
N ARG B 85 -6.01 -2.13 12.98
CA ARG B 85 -5.05 -2.65 12.01
C ARG B 85 -4.68 -4.11 12.26
N ASP B 86 -4.33 -4.45 13.49
CA ASP B 86 -4.02 -5.84 13.84
C ASP B 86 -5.20 -6.77 13.53
N SER B 87 -6.42 -6.28 13.72
CA SER B 87 -7.60 -7.11 13.44
C SER B 87 -7.66 -7.38 11.96
N ILE B 88 -7.43 -6.35 11.15
CA ILE B 88 -7.38 -6.48 9.71
C ILE B 88 -6.21 -7.37 9.24
N THR B 89 -5.06 -7.30 9.89
CA THR B 89 -3.97 -8.22 9.56
C THR B 89 -4.39 -9.67 9.75
N GLU B 90 -5.10 -9.94 10.84
CA GLU B 90 -5.55 -11.28 11.13
C GLU B 90 -6.50 -11.79 10.02
N VAL B 91 -7.41 -10.94 9.57
CA VAL B 91 -8.31 -11.34 8.49
C VAL B 91 -7.54 -11.68 7.22
N TRP B 92 -6.62 -10.83 6.80
CA TRP B 92 -5.89 -11.04 5.56
C TRP B 92 -4.91 -12.21 5.63
N SER B 93 -4.28 -12.39 6.78
CA SER B 93 -3.35 -13.53 6.93
C SER B 93 -4.13 -14.84 6.83
N TYR B 94 -5.32 -14.85 7.40
CA TYR B 94 -6.22 -16.00 7.27
C TYR B 94 -6.60 -16.20 5.80
N ASN B 95 -7.12 -15.14 5.17
CA ASN B 95 -7.53 -15.22 3.77
C ASN B 95 -6.45 -15.76 2.85
N ALA B 96 -5.25 -15.16 2.88
CA ALA B 96 -4.13 -15.62 2.06
C ALA B 96 -3.80 -17.11 2.26
N GLU B 97 -3.77 -17.54 3.52
CA GLU B 97 -3.50 -18.93 3.86
C GLU B 97 -4.58 -19.88 3.28
N LEU B 98 -5.85 -19.48 3.36
CA LEU B 98 -6.94 -20.33 2.88
C LEU B 98 -6.96 -20.33 1.36
N LEU B 99 -6.72 -19.16 0.78
CA LEU B 99 -6.72 -19.00 -0.66
C LEU B 99 -5.72 -19.94 -1.31
N VAL B 100 -4.48 -19.83 -0.87
CA VAL B 100 -3.40 -20.64 -1.45
C VAL B 100 -3.62 -22.14 -1.22
N ALA B 101 -4.12 -22.51 -0.05
CA ALA B 101 -4.31 -23.92 0.26
C ALA B 101 -5.37 -24.52 -0.66
N MET B 102 -6.51 -23.84 -0.76
CA MET B 102 -7.61 -24.34 -1.56
C MET B 102 -7.30 -24.26 -3.05
N GLU B 103 -6.60 -23.21 -3.48
CA GLU B 103 -6.12 -23.15 -4.87
C GLU B 103 -5.22 -24.34 -5.21
N ASN B 104 -4.28 -24.63 -4.32
CA ASN B 104 -3.32 -25.72 -4.55
C ASN B 104 -4.00 -27.10 -4.63
N GLN B 105 -5.00 -27.32 -3.80
CA GLN B 105 -5.78 -28.55 -3.82
C GLN B 105 -6.41 -28.72 -5.20
N HIS B 106 -7.08 -27.67 -5.65
CA HIS B 106 -7.76 -27.69 -6.94
C HIS B 106 -6.78 -27.88 -8.10
N THR B 107 -5.68 -27.13 -8.06
CA THR B 107 -4.59 -27.24 -9.02
C THR B 107 -4.16 -28.70 -9.16
N ILE B 108 -3.83 -29.31 -8.04
CA ILE B 108 -3.32 -30.68 -8.07
C ILE B 108 -4.38 -31.66 -8.58
N ASP B 109 -5.62 -31.50 -8.14
CA ASP B 109 -6.71 -32.36 -8.60
C ASP B 109 -7.00 -32.15 -10.08
N LEU B 110 -6.93 -30.89 -10.51
CA LEU B 110 -7.16 -30.52 -11.90
C LEU B 110 -6.14 -31.15 -12.84
N ALA B 111 -4.88 -31.16 -12.42
CA ALA B 111 -3.83 -31.78 -13.22
C ALA B 111 -3.98 -33.28 -13.24
N ASP B 112 -4.49 -33.85 -12.15
CA ASP B 112 -4.78 -35.29 -12.07
C ASP B 112 -5.92 -35.61 -13.03
N SER B 113 -6.98 -34.80 -12.95
CA SER B 113 -8.13 -34.92 -13.86
C SER B 113 -7.76 -34.96 -15.33
N GLU B 114 -6.92 -34.02 -15.77
CA GLU B 114 -6.53 -33.93 -17.19
C GLU B 114 -5.80 -35.18 -17.66
N MET B 115 -4.96 -35.74 -16.80
CA MET B 115 -4.29 -37.01 -17.08
C MET B 115 -5.32 -38.12 -17.25
N ASP B 116 -6.33 -38.13 -16.38
CA ASP B 116 -7.39 -39.14 -16.46
C ASP B 116 -8.20 -38.98 -17.76
N LYS B 117 -8.53 -37.73 -18.09
CA LYS B 117 -9.24 -37.41 -19.33
C LYS B 117 -8.47 -37.90 -20.58
N LEU B 118 -7.15 -37.74 -20.58
CA LEU B 118 -6.33 -38.22 -21.69
C LEU B 118 -6.34 -39.74 -21.76
N TYR B 119 -6.15 -40.40 -20.62
CA TYR B 119 -6.18 -41.85 -20.56
C TYR B 119 -7.49 -42.40 -21.13
N GLU B 120 -8.60 -41.83 -20.68
CA GLU B 120 -9.94 -42.32 -21.07
C GLU B 120 -10.26 -42.08 -22.54
N ARG B 121 -9.75 -40.98 -23.11
CA ARG B 121 -9.91 -40.71 -24.53
C ARG B 121 -9.33 -41.88 -25.34
N VAL B 122 -8.10 -42.23 -25.03
CA VAL B 122 -7.36 -43.26 -25.76
C VAL B 122 -8.07 -44.59 -25.63
N LYS B 123 -8.39 -44.99 -24.41
CA LYS B 123 -9.16 -46.22 -24.18
C LYS B 123 -10.35 -46.30 -25.13
N ARG B 124 -11.11 -45.23 -25.18
CA ARG B 124 -12.29 -45.15 -26.04
C ARG B 124 -11.96 -45.23 -27.53
N GLN B 125 -10.81 -44.67 -27.93
CA GLN B 125 -10.33 -44.80 -29.31
C GLN B 125 -10.09 -46.26 -29.73
N LEU B 126 -9.41 -47.00 -28.86
CA LEU B 126 -8.98 -48.37 -29.18
C LEU B 126 -10.11 -49.39 -29.18
N ARG B 127 -11.09 -49.20 -28.30
CA ARG B 127 -12.24 -50.09 -28.18
C ARG B 127 -11.79 -51.52 -27.83
N GLU B 128 -12.38 -52.55 -28.42
CA GLU B 128 -12.02 -53.92 -28.05
C GLU B 128 -10.78 -54.43 -28.77
N ASN B 129 -9.97 -53.51 -29.30
CA ASN B 129 -8.70 -53.84 -29.92
C ASN B 129 -7.53 -53.74 -28.95
N ALA B 130 -7.82 -53.44 -27.67
CA ALA B 130 -6.79 -53.31 -26.63
C ALA B 130 -7.33 -53.66 -25.25
N GLU B 131 -6.44 -53.68 -24.25
CA GLU B 131 -6.83 -53.96 -22.85
C GLU B 131 -6.15 -53.03 -21.86
N GLU B 132 -6.77 -52.87 -20.68
CA GLU B 132 -6.18 -52.08 -19.60
C GLU B 132 -5.17 -52.92 -18.82
N ASP B 133 -3.90 -52.54 -18.93
CA ASP B 133 -2.83 -53.14 -18.14
C ASP B 133 -3.06 -52.88 -16.66
N GLY B 134 -3.20 -51.61 -16.30
CA GLY B 134 -3.42 -51.21 -14.91
C GLY B 134 -2.38 -50.28 -14.36
N THR B 135 -1.25 -50.13 -15.06
CA THR B 135 -0.21 -49.20 -14.66
C THR B 135 -0.27 -47.91 -15.51
N GLY B 136 -1.36 -47.75 -16.24
CA GLY B 136 -1.46 -46.69 -17.24
C GLY B 136 -0.83 -47.15 -18.52
N CYS B 137 -1.20 -48.35 -18.96
CA CYS B 137 -0.68 -48.93 -20.19
C CYS B 137 -1.75 -49.69 -20.97
N PHE B 138 -1.66 -49.62 -22.29
CA PHE B 138 -2.56 -50.36 -23.17
C PHE B 138 -1.79 -51.42 -23.94
N GLU B 139 -2.01 -52.69 -23.60
CA GLU B 139 -1.45 -53.79 -24.36
C GLU B 139 -2.24 -53.96 -25.66
N ILE B 140 -1.53 -53.92 -26.79
CA ILE B 140 -2.15 -53.96 -28.11
C ILE B 140 -1.85 -55.32 -28.77
N PHE B 141 -2.91 -56.00 -29.20
CA PHE B 141 -2.79 -57.34 -29.77
C PHE B 141 -2.26 -57.34 -31.19
N HIS B 142 -2.78 -56.43 -32.01
CA HIS B 142 -2.33 -56.29 -33.38
C HIS B 142 -1.05 -55.44 -33.43
N LYS B 143 -0.39 -55.47 -34.58
CA LYS B 143 0.92 -54.84 -34.74
C LYS B 143 0.75 -53.35 -35.00
N CYS B 144 1.04 -52.51 -34.01
CA CYS B 144 1.12 -51.07 -34.23
C CYS B 144 2.56 -50.66 -34.51
N ASP B 145 2.88 -50.43 -35.78
CA ASP B 145 4.17 -49.86 -36.16
C ASP B 145 4.17 -48.37 -35.81
N ASP B 146 5.31 -47.69 -35.98
CA ASP B 146 5.42 -46.27 -35.63
C ASP B 146 4.32 -45.45 -36.32
N ASP B 147 3.98 -45.82 -37.55
CA ASP B 147 2.88 -45.20 -38.29
C ASP B 147 1.55 -45.36 -37.52
N CYS B 148 1.32 -46.57 -37.00
CA CYS B 148 0.13 -46.88 -36.22
C CYS B 148 0.03 -46.01 -34.98
N MET B 149 1.12 -45.93 -34.23
CA MET B 149 1.15 -45.23 -32.95
C MET B 149 0.88 -43.73 -33.13
N ALA B 150 1.42 -43.15 -34.20
CA ALA B 150 1.19 -41.74 -34.53
C ALA B 150 -0.27 -41.43 -34.84
N SER B 151 -0.98 -42.41 -35.40
CA SER B 151 -2.41 -42.27 -35.69
C SER B 151 -3.22 -42.14 -34.41
N ILE B 152 -2.78 -42.84 -33.36
CA ILE B 152 -3.45 -42.76 -32.06
C ILE B 152 -3.26 -41.36 -31.47
N ARG B 153 -2.00 -40.91 -31.43
CA ARG B 153 -1.65 -39.58 -30.89
C ARG B 153 -2.36 -38.44 -31.60
N ASN B 154 -2.71 -38.63 -32.87
CA ASN B 154 -3.38 -37.62 -33.66
C ASN B 154 -4.91 -37.78 -33.72
N ASN B 155 -5.46 -38.69 -32.93
CA ASN B 155 -6.91 -38.94 -32.90
C ASN B 155 -7.49 -39.52 -34.20
N THR B 156 -6.68 -40.24 -34.97
CA THR B 156 -7.09 -40.76 -36.27
C THR B 156 -7.08 -42.29 -36.38
N TYR B 157 -6.71 -42.98 -35.30
CA TYR B 157 -6.67 -44.45 -35.29
C TYR B 157 -8.04 -45.03 -35.61
N ASP B 158 -8.13 -45.74 -36.73
CA ASP B 158 -9.37 -46.40 -37.14
C ASP B 158 -9.38 -47.81 -36.55
N HIS B 159 -10.26 -48.03 -35.57
CA HIS B 159 -10.32 -49.32 -34.86
C HIS B 159 -10.85 -50.45 -35.73
N SER B 160 -11.75 -50.12 -36.67
CA SER B 160 -12.38 -51.13 -37.52
C SER B 160 -11.39 -51.83 -38.43
N LYS B 161 -10.31 -51.14 -38.80
CA LYS B 161 -9.29 -51.72 -39.69
C LYS B 161 -8.56 -52.90 -39.05
N TYR B 162 -8.32 -52.80 -37.74
CA TYR B 162 -7.56 -53.81 -37.01
C TYR B 162 -8.43 -54.66 -36.09
N ARG B 163 -9.75 -54.46 -36.14
CA ARG B 163 -10.65 -55.11 -35.18
C ARG B 163 -10.59 -56.63 -35.28
N GLU B 164 -10.91 -57.16 -36.44
CA GLU B 164 -10.87 -58.61 -36.68
C GLU B 164 -9.59 -59.24 -36.14
N GLU B 165 -8.45 -58.64 -36.49
CA GLU B 165 -7.12 -59.11 -36.09
C GLU B 165 -6.98 -59.25 -34.56
N ALA B 166 -7.26 -58.17 -33.83
CA ALA B 166 -7.03 -58.12 -32.38
C ALA B 166 -8.07 -58.89 -31.57
N MET B 167 -9.29 -58.99 -32.09
CA MET B 167 -10.35 -59.79 -31.48
C MET B 167 -9.95 -61.27 -31.51
N GLN B 168 -9.38 -61.70 -32.63
CA GLN B 168 -8.87 -63.06 -32.77
C GLN B 168 -7.71 -63.32 -31.80
N ASN B 169 -6.82 -62.34 -31.65
CA ASN B 169 -5.59 -62.51 -30.88
C ASN B 169 -5.78 -62.49 -29.36
N ARG B 170 -7.01 -62.24 -28.92
CA ARG B 170 -7.38 -62.34 -27.49
C ARG B 170 -6.59 -63.44 -26.76
C1 NAG C . 18.87 43.44 26.24
C2 NAG C . 17.59 42.88 25.64
C3 NAG C . 17.21 41.60 26.37
C4 NAG C . 18.35 40.60 26.18
C5 NAG C . 19.68 41.20 26.61
C6 NAG C . 20.87 40.30 26.24
C7 NAG C . 16.11 44.77 24.92
C8 NAG C . 16.73 44.76 23.55
N2 NAG C . 16.54 43.89 25.84
O1 NAG C . 19.22 44.69 25.66
O3 NAG C . 15.97 41.08 25.87
O4 NAG C . 18.08 39.37 26.89
O5 NAG C . 19.90 42.48 25.99
O6 NAG C . 21.09 40.33 24.82
O7 NAG C . 15.24 45.56 25.19
C1 GAL C . 17.85 38.26 26.01
C2 GAL C . 18.31 36.92 26.60
C3 GAL C . 18.06 35.84 25.55
C4 GAL C . 16.60 35.82 25.12
C5 GAL C . 16.19 37.22 24.65
C6 GAL C . 14.74 37.29 24.27
O2 GAL C . 19.69 36.98 26.97
O3 GAL C . 18.44 34.55 26.05
O4 GAL C . 15.75 35.44 26.20
O5 GAL C . 16.46 38.16 25.70
O6 GAL C . 14.62 38.39 23.36
C1 SIA C . 13.59 37.20 21.58
C2 SIA C . 13.48 38.40 22.51
C3 SIA C . 13.56 39.69 21.69
C4 SIA C . 12.25 40.04 21.01
C5 SIA C . 11.09 40.01 21.99
C6 SIA C . 11.05 38.62 22.62
C7 SIA C . 9.87 38.43 23.57
C8 SIA C . 9.94 37.13 24.37
C9 SIA C . 8.58 36.80 25.01
C10 SIA C . 8.75 40.69 21.56
C11 SIA C . 7.69 40.77 20.51
N5 SIA C . 9.92 40.19 21.15
O1A SIA C . 14.69 36.99 21.01
O1B SIA C . 12.60 36.45 21.43
O4 SIA C . 12.33 41.33 20.39
O6 SIA C . 12.28 38.37 23.30
O7 SIA C . 9.83 39.55 24.44
O8 SIA C . 10.31 36.04 23.53
O9 SIA C . 8.69 35.65 25.87
O10 SIA C . 8.54 41.06 22.70
C1 NAG D . 1.02 1.10 17.88
C2 NAG D . 1.65 1.65 19.16
C3 NAG D . 3.06 2.21 18.96
C4 NAG D . 3.92 1.29 18.10
C5 NAG D . 3.15 0.85 16.86
C6 NAG D . 3.93 -0.14 16.01
C7 NAG D . 0.51 2.78 21.03
C8 NAG D . -0.49 3.83 21.41
N2 NAG D . 0.73 2.64 19.72
O3 NAG D . 3.65 2.41 20.22
O4 NAG D . 5.07 2.02 17.72
O5 NAG D . 1.95 0.22 17.27
O6 NAG D . 3.13 -0.54 14.91
O7 NAG D . 1.06 2.11 21.90
C1 NAG D . 6.31 1.29 17.89
C2 NAG D . 7.38 1.97 17.03
C3 NAG D . 8.83 1.55 17.35
C4 NAG D . 9.08 1.19 18.82
C5 NAG D . 7.88 0.49 19.47
C6 NAG D . 8.07 0.29 20.97
C7 NAG D . 6.40 2.61 14.87
C8 NAG D . 6.19 2.26 13.43
N2 NAG D . 7.11 1.75 15.62
O3 NAG D . 9.69 2.60 17.00
O4 NAG D . 10.23 0.37 18.92
O5 NAG D . 6.71 1.27 19.25
O6 NAG D . 7.31 1.25 21.68
O7 NAG D . 5.92 3.66 15.30
C1 NAG E . 7.96 -21.62 -12.93
C2 NAG E . 8.25 -21.19 -14.38
C3 NAG E . 8.84 -19.78 -14.51
C4 NAG E . 8.20 -18.77 -13.55
C5 NAG E . 8.08 -19.36 -12.14
C6 NAG E . 7.38 -18.39 -11.17
C7 NAG E . 8.69 -23.22 -15.68
C8 NAG E . 9.74 -24.15 -16.25
N2 NAG E . 9.14 -22.17 -14.98
O3 NAG E . 8.68 -19.32 -15.83
O4 NAG E . 8.97 -17.58 -13.56
O5 NAG E . 7.35 -20.57 -12.19
O6 NAG E . 8.05 -18.35 -9.92
O7 NAG E . 7.51 -23.45 -15.87
C1 NAG F . -21.93 32.82 -2.02
C2 NAG F . -22.73 31.85 -2.89
C3 NAG F . -22.79 32.35 -4.34
C4 NAG F . -23.26 33.80 -4.41
C5 NAG F . -22.53 34.69 -3.40
C6 NAG F . -23.21 36.06 -3.31
C7 NAG F . -22.51 29.57 -1.95
C8 NAG F . -21.88 28.21 -2.08
N2 NAG F . -22.19 30.49 -2.88
O3 NAG F . -23.68 31.55 -5.08
O4 NAG F . -23.07 34.30 -5.72
O5 NAG F . -22.53 34.10 -2.11
O6 NAG F . -22.24 37.09 -3.34
O7 NAG F . -23.29 29.78 -1.02
C1 NAG G . 16.85 -27.16 -5.82
C2 NAG G . 16.30 -26.25 -4.71
C3 NAG G . 17.39 -25.68 -3.80
C4 NAG G . 18.44 -26.75 -3.43
C5 NAG G . 18.97 -27.42 -4.70
C6 NAG G . 20.01 -28.49 -4.36
C7 NAG G . 14.24 -25.25 -5.74
C8 NAG G . 13.48 -26.54 -5.72
N2 NAG G . 15.50 -25.17 -5.28
O3 NAG G . 16.79 -25.16 -2.63
O4 NAG G . 19.49 -26.15 -2.71
O5 NAG G . 17.89 -28.02 -5.38
O6 NAG G . 21.27 -27.89 -4.14
O7 NAG G . 13.66 -24.27 -6.20
S SO4 H . -1.47 52.90 14.81
O1 SO4 H . -0.95 52.61 16.17
O2 SO4 H . -2.78 53.59 14.89
O3 SO4 H . -1.64 51.63 14.06
O4 SO4 H . -0.51 53.77 14.09
S SO4 I . 16.04 -3.51 1.35
O1 SO4 I . 16.65 -3.74 2.68
O2 SO4 I . 15.23 -4.69 0.96
O3 SO4 I . 17.11 -3.28 0.34
O4 SO4 I . 15.18 -2.31 1.45
S SO4 J . 13.92 -12.76 1.11
O1 SO4 J . 13.67 -12.27 2.48
O2 SO4 J . 13.45 -11.76 0.13
O3 SO4 J . 13.22 -14.04 0.90
O4 SO4 J . 15.37 -12.99 0.92
S SO4 K . 18.03 -1.46 -6.25
O1 SO4 K . 17.41 -1.27 -4.92
O2 SO4 K . 16.98 -1.87 -7.23
O3 SO4 K . 19.07 -2.51 -6.16
O4 SO4 K . 18.66 -0.20 -6.70
S SO4 L . 8.06 20.55 15.78
O1 SO4 L . 7.20 21.56 16.44
O2 SO4 L . 7.54 20.26 14.42
O3 SO4 L . 8.00 19.31 16.59
O4 SO4 L . 9.46 21.01 15.74
S SO4 M . -11.60 28.32 -5.05
O1 SO4 M . -11.83 29.70 -5.54
O2 SO4 M . -11.68 27.35 -6.17
O3 SO4 M . -12.68 27.97 -4.11
O4 SO4 M . -10.28 28.22 -4.37
S SO4 N . -2.32 37.58 -2.05
O1 SO4 N . -3.67 37.59 -1.42
O2 SO4 N . -2.19 36.38 -2.90
O3 SO4 N . -1.26 37.57 -1.02
O4 SO4 N . -2.19 38.80 -2.86
S SO4 O . -3.68 17.69 20.30
O1 SO4 O . -3.79 18.74 21.33
O2 SO4 O . -5.03 17.23 19.90
O3 SO4 O . -2.91 16.53 20.81
O4 SO4 O . -2.96 18.23 19.11
S SO4 P . 0.03 -32.92 7.03
O1 SO4 P . -0.61 -31.63 7.38
O2 SO4 P . -0.89 -33.73 6.20
O3 SO4 P . 0.35 -33.66 8.27
O4 SO4 P . 1.29 -32.66 6.28
S SO4 Q . -2.54 23.11 -8.76
O1 SO4 Q . -3.63 24.02 -8.37
O2 SO4 Q . -2.71 22.68 -10.17
O3 SO4 Q . -2.54 21.92 -7.88
O4 SO4 Q . -1.24 23.83 -8.62
S SO4 R . 5.84 -18.00 7.73
O1 SO4 R . 4.53 -18.62 8.06
O2 SO4 R . 6.01 -17.94 6.26
O3 SO4 R . 6.93 -18.81 8.32
O4 SO4 R . 5.89 -16.63 8.35
S SO4 S . 12.15 -41.23 -17.64
O1 SO4 S . 11.09 -42.26 -17.50
O2 SO4 S . 11.70 -40.22 -18.64
O3 SO4 S . 13.40 -41.84 -18.14
O4 SO4 S . 12.42 -40.60 -16.32
S SO4 T . 6.43 12.20 20.48
O1 SO4 T . 5.05 12.63 20.82
O2 SO4 T . 6.43 11.12 19.49
O3 SO4 T . 7.09 11.69 21.71
O4 SO4 T . 7.18 13.38 19.95
S SO4 U . -3.61 -17.71 9.95
O1 SO4 U . -2.35 -17.01 9.61
O2 SO4 U . -3.94 -18.69 8.90
O3 SO4 U . -4.70 -16.70 10.07
O4 SO4 U . -3.45 -18.40 11.25
S SO4 V . -15.52 -52.33 -18.84
O1 SO4 V . -16.92 -52.05 -18.45
O2 SO4 V . -15.47 -52.95 -20.18
O3 SO4 V . -14.93 -53.28 -17.87
O4 SO4 V . -14.76 -51.05 -18.86
#